data_9C72
#
_entry.id   9C72
#
_cell.length_a   88.580
_cell.length_b   88.580
_cell.length_c   79.000
_cell.angle_alpha   90.000
_cell.angle_beta   90.000
_cell.angle_gamma   90.000
#
_symmetry.space_group_name_H-M   'I 41 2 2'
#
loop_
_entity.id
_entity.type
_entity.pdbx_description
1 polymer 'Spindle defective 2'
2 non-polymer 'SULFATE ION'
3 non-polymer 1,2-ETHANEDIOL
4 water water
#
_entity_poly.entity_id   1
_entity_poly.type   'polypeptide(L)'
_entity_poly.pdbx_seq_one_letter_code
;MHHHHHHSAGLEVLFQGPVEQNWCVQPGLLEFGVGCSPLATLSVTNSFCSRQLIEVTCNVPDLVRISPSECYVSPDGGHA
EIDVRLLRSPRQDLLEREPLIVVSMENERISVPISFKF
;
_entity_poly.pdbx_strand_id   A
#
# COMPACT_ATOMS: atom_id res chain seq x y z
N GLN A 21 7.33 -7.74 -12.60
CA GLN A 21 8.15 -7.65 -13.80
C GLN A 21 8.38 -6.19 -14.21
N ASN A 22 7.32 -5.49 -14.56
CA ASN A 22 7.42 -4.14 -15.11
C ASN A 22 7.18 -3.05 -14.09
N TRP A 23 6.94 -3.40 -12.83
CA TRP A 23 6.67 -2.42 -11.79
C TRP A 23 6.89 -3.11 -10.45
N CYS A 24 6.89 -2.32 -9.38
CA CYS A 24 7.16 -2.93 -8.07
C CYS A 24 6.73 -1.99 -6.96
N VAL A 25 6.66 -2.55 -5.74
CA VAL A 25 6.22 -1.84 -4.54
C VAL A 25 7.23 -2.11 -3.44
N GLN A 26 7.65 -1.05 -2.73
CA GLN A 26 8.55 -1.16 -1.59
C GLN A 26 7.98 -0.34 -0.43
N PRO A 27 8.19 -0.78 0.83
CA PRO A 27 8.87 -2.03 1.17
C PRO A 27 7.89 -3.19 1.00
N GLY A 28 8.31 -4.41 1.34
CA GLY A 28 7.46 -5.58 1.24
C GLY A 28 6.66 -5.90 2.49
N LEU A 29 6.74 -5.06 3.52
CA LEU A 29 5.95 -5.21 4.74
C LEU A 29 5.78 -3.84 5.37
N LEU A 30 4.56 -3.55 5.82
CA LEU A 30 4.28 -2.32 6.55
C LEU A 30 4.17 -2.64 8.03
N GLU A 31 4.97 -1.96 8.86
CA GLU A 31 5.05 -2.25 10.29
C GLU A 31 4.43 -1.12 11.09
N PHE A 32 3.42 -1.43 11.88
CA PHE A 32 2.85 -0.50 12.84
C PHE A 32 2.95 -1.08 14.24
N GLY A 33 2.80 -0.21 15.25
CA GLY A 33 2.75 -0.61 16.65
C GLY A 33 3.96 -0.14 17.45
N VAL A 34 4.23 -0.87 18.54
CA VAL A 34 5.27 -0.45 19.46
C VAL A 34 6.56 -0.26 18.68
N GLY A 35 7.24 0.87 18.94
CA GLY A 35 8.48 1.20 18.28
C GLY A 35 8.37 1.80 16.89
N CYS A 36 7.18 1.79 16.29
CA CYS A 36 6.97 2.22 14.91
C CYS A 36 6.35 3.60 14.83
N SER A 37 6.68 4.32 13.75
CA SER A 37 5.93 5.48 13.32
C SER A 37 4.45 5.14 13.20
N PRO A 38 3.55 6.10 13.47
CA PRO A 38 2.11 5.88 13.15
C PRO A 38 1.86 5.92 11.66
N LEU A 39 2.87 6.30 10.91
CA LEU A 39 2.79 6.52 9.48
C LEU A 39 3.77 5.58 8.79
N ALA A 40 3.32 4.92 7.72
CA ALA A 40 4.22 4.16 6.86
C ALA A 40 4.14 4.75 5.47
N THR A 41 5.21 4.63 4.69
CA THR A 41 5.15 5.15 3.32
C THR A 41 5.57 4.05 2.34
N LEU A 42 4.76 3.85 1.30
CA LEU A 42 5.04 2.95 0.20
C LEU A 42 5.60 3.74 -0.99
N SER A 43 6.47 3.09 -1.75
CA SER A 43 7.01 3.65 -2.98
C SER A 43 6.64 2.71 -4.12
N VAL A 44 5.90 3.22 -5.10
CA VAL A 44 5.43 2.43 -6.23
C VAL A 44 6.17 2.88 -7.48
N THR A 45 6.91 1.98 -8.11
CA THR A 45 7.71 2.31 -9.28
C THR A 45 7.05 1.76 -10.52
N ASN A 46 6.88 2.62 -11.53
CA ASN A 46 6.30 2.23 -12.82
C ASN A 46 7.42 2.06 -13.86
N SER A 47 7.68 0.82 -14.29
CA SER A 47 8.64 0.62 -15.38
C SER A 47 7.99 0.13 -16.67
N PHE A 48 6.67 0.26 -16.80
CA PHE A 48 6.03 0.15 -18.11
C PHE A 48 6.49 1.32 -18.97
N CYS A 49 6.24 1.22 -20.28
CA CYS A 49 6.61 2.32 -21.18
C CYS A 49 5.65 3.50 -21.10
N SER A 50 4.48 3.36 -20.50
CA SER A 50 3.50 4.43 -20.49
C SER A 50 3.15 4.82 -19.07
N ARG A 51 2.72 6.06 -18.93
CA ARG A 51 2.25 6.56 -17.66
C ARG A 51 1.03 5.76 -17.21
N GLN A 52 0.94 5.47 -15.91
CA GLN A 52 -0.07 4.56 -15.36
C GLN A 52 -0.80 5.19 -14.18
N LEU A 53 -2.12 5.08 -14.17
CA LEU A 53 -2.88 5.31 -12.94
C LEU A 53 -2.70 4.13 -11.99
N ILE A 54 -2.47 4.41 -10.70
CA ILE A 54 -2.55 3.35 -9.70
C ILE A 54 -3.67 3.67 -8.72
N GLU A 55 -4.23 2.61 -8.12
CA GLU A 55 -5.18 2.68 -7.03
C GLU A 55 -4.63 1.86 -5.87
N VAL A 56 -4.69 2.42 -4.66
CA VAL A 56 -4.11 1.78 -3.49
C VAL A 56 -5.24 1.59 -2.49
N THR A 57 -5.50 0.33 -2.12
CA THR A 57 -6.64 -0.01 -1.29
C THR A 57 -6.19 -0.92 -0.14
N CYS A 58 -7.10 -1.11 0.82
CA CYS A 58 -6.89 -2.05 1.91
C CYS A 58 -8.01 -3.08 1.87
N ASN A 59 -7.69 -4.35 2.18
CA ASN A 59 -8.69 -5.40 2.14
C ASN A 59 -9.53 -5.47 3.40
N VAL A 60 -9.35 -4.55 4.34
CA VAL A 60 -10.18 -4.45 5.54
C VAL A 60 -10.71 -3.03 5.63
N PRO A 61 -12.03 -2.81 5.74
CA PRO A 61 -12.55 -1.44 5.80
C PRO A 61 -12.21 -0.73 7.11
N ASP A 62 -11.96 0.59 6.99
CA ASP A 62 -11.79 1.48 8.13
C ASP A 62 -10.61 1.08 9.02
N LEU A 63 -9.60 0.47 8.41
CA LEU A 63 -8.40 0.04 9.11
C LEU A 63 -7.27 1.03 8.94
N VAL A 64 -7.04 1.49 7.72
CA VAL A 64 -6.01 2.47 7.42
C VAL A 64 -6.60 3.64 6.63
N ARG A 65 -5.86 4.75 6.60
N ARG A 65 -5.91 4.76 6.68
CA ARG A 65 -6.14 5.89 5.72
CA ARG A 65 -6.09 5.86 5.74
C ARG A 65 -4.97 6.01 4.75
C ARG A 65 -4.93 5.79 4.75
N ILE A 66 -5.25 5.82 3.46
CA ILE A 66 -4.23 5.77 2.41
C ILE A 66 -4.28 7.09 1.63
N SER A 67 -3.12 7.76 1.52
CA SER A 67 -3.14 9.11 0.95
C SER A 67 -1.92 9.34 0.08
N PRO A 68 -2.08 9.64 -1.23
CA PRO A 68 -3.36 9.62 -1.97
C PRO A 68 -3.76 8.18 -2.25
N SER A 69 -5.04 7.85 -2.44
CA SER A 69 -5.38 6.48 -2.81
CA SER A 69 -5.41 6.49 -2.81
C SER A 69 -5.37 6.27 -4.32
N GLU A 70 -5.27 7.33 -5.12
CA GLU A 70 -5.13 7.18 -6.57
C GLU A 70 -4.18 8.26 -7.06
N CYS A 71 -3.27 7.92 -7.98
CA CYS A 71 -2.40 8.93 -8.59
C CYS A 71 -1.78 8.36 -9.86
N TYR A 72 -1.16 9.23 -10.64
CA TYR A 72 -0.46 8.79 -11.85
C TYR A 72 1.03 8.67 -11.60
N VAL A 73 1.67 7.71 -12.26
CA VAL A 73 3.10 7.43 -12.07
C VAL A 73 3.77 7.48 -13.44
N SER A 74 4.82 8.28 -13.55
N SER A 74 4.82 8.29 -13.55
CA SER A 74 5.54 8.40 -14.81
CA SER A 74 5.51 8.41 -14.84
C SER A 74 6.16 7.06 -15.18
C SER A 74 6.17 7.07 -15.19
N PRO A 75 6.38 6.80 -16.48
CA PRO A 75 6.97 5.52 -16.90
C PRO A 75 8.48 5.45 -16.75
N ASP A 76 9.06 4.35 -17.26
CA ASP A 76 10.50 4.21 -17.37
C ASP A 76 11.19 4.40 -16.03
N GLY A 77 10.53 3.95 -14.96
CA GLY A 77 11.09 4.00 -13.63
C GLY A 77 10.65 5.15 -12.75
N GLY A 78 9.66 5.94 -13.18
CA GLY A 78 9.05 6.91 -12.29
C GLY A 78 8.41 6.25 -11.06
N HIS A 79 8.19 7.04 -10.02
CA HIS A 79 7.67 6.46 -8.78
C HIS A 79 6.74 7.44 -8.07
N ALA A 80 5.84 6.90 -7.26
CA ALA A 80 4.98 7.68 -6.39
C ALA A 80 5.16 7.21 -4.95
N GLU A 81 5.06 8.14 -4.00
CA GLU A 81 5.12 7.79 -2.57
C GLU A 81 3.72 7.92 -1.96
N ILE A 82 3.30 6.88 -1.24
CA ILE A 82 1.92 6.75 -0.75
C ILE A 82 1.98 6.61 0.78
N ASP A 83 1.34 7.53 1.51
CA ASP A 83 1.22 7.40 2.97
C ASP A 83 0.16 6.35 3.35
N VAL A 84 0.48 5.54 4.34
CA VAL A 84 -0.48 4.59 4.94
C VAL A 84 -0.51 4.88 6.44
N ARG A 85 -1.67 5.21 6.97
CA ARG A 85 -1.80 5.64 8.37
C ARG A 85 -2.79 4.69 9.06
N LEU A 86 -2.29 3.92 10.02
CA LEU A 86 -3.16 2.96 10.72
C LEU A 86 -4.18 3.69 11.60
N LEU A 87 -5.46 3.29 11.48
CA LEU A 87 -6.54 3.93 12.24
C LEU A 87 -6.95 3.14 13.47
N ARG A 88 -6.80 1.81 13.46
CA ARG A 88 -7.14 0.98 14.60
C ARG A 88 -6.39 -0.32 14.45
N SER A 89 -6.41 -1.14 15.51
CA SER A 89 -5.64 -2.36 15.34
C SER A 89 -6.50 -3.41 14.63
N PRO A 90 -5.86 -4.31 13.87
CA PRO A 90 -6.61 -5.42 13.27
C PRO A 90 -7.16 -6.33 14.37
N ARG A 91 -8.23 -7.04 14.02
CA ARG A 91 -8.82 -8.01 14.94
C ARG A 91 -8.83 -9.37 14.26
N GLN A 92 -7.68 -10.07 14.33
CA GLN A 92 -7.65 -11.47 13.91
C GLN A 92 -8.59 -12.30 14.78
N ASP A 93 -8.72 -11.94 16.05
CA ASP A 93 -9.64 -12.65 16.94
C ASP A 93 -11.08 -12.51 16.47
N LEU A 94 -11.47 -11.30 16.07
CA LEU A 94 -12.76 -11.08 15.41
C LEU A 94 -12.72 -11.45 13.93
N LEU A 95 -11.82 -12.37 13.56
CA LEU A 95 -11.79 -13.06 12.27
C LEU A 95 -11.90 -12.10 11.09
N GLU A 96 -11.28 -10.93 11.22
CA GLU A 96 -10.98 -10.16 10.03
C GLU A 96 -9.96 -10.91 9.19
N ARG A 97 -9.98 -10.64 7.89
CA ARG A 97 -8.92 -11.13 7.02
C ARG A 97 -7.55 -10.67 7.53
N GLU A 98 -6.52 -11.41 7.15
CA GLU A 98 -5.17 -10.93 7.38
C GLU A 98 -4.95 -9.68 6.55
N PRO A 99 -4.55 -8.57 7.17
CA PRO A 99 -4.65 -7.26 6.49
C PRO A 99 -3.56 -7.06 5.44
N LEU A 100 -3.99 -6.49 4.32
CA LEU A 100 -3.13 -6.26 3.17
C LEU A 100 -3.40 -4.88 2.61
N ILE A 101 -2.33 -4.21 2.17
CA ILE A 101 -2.44 -3.10 1.24
C ILE A 101 -2.32 -3.68 -0.18
N VAL A 102 -3.24 -3.27 -1.07
CA VAL A 102 -3.24 -3.78 -2.45
C VAL A 102 -3.01 -2.58 -3.37
N VAL A 103 -1.98 -2.67 -4.21
CA VAL A 103 -1.74 -1.66 -5.23
C VAL A 103 -2.16 -2.24 -6.58
N SER A 104 -2.97 -1.50 -7.34
CA SER A 104 -3.38 -1.96 -8.66
C SER A 104 -2.82 -1.03 -9.72
N MET A 105 -2.23 -1.62 -10.77
CA MET A 105 -1.63 -0.87 -11.87
C MET A 105 -1.83 -1.69 -13.13
N GLU A 106 -2.25 -1.05 -14.21
CA GLU A 106 -2.46 -1.74 -15.49
C GLU A 106 -3.45 -2.88 -15.19
N ASN A 107 -3.14 -4.12 -15.55
CA ASN A 107 -4.03 -5.24 -15.25
C ASN A 107 -3.55 -6.06 -14.04
N GLU A 108 -2.71 -5.48 -13.21
CA GLU A 108 -1.92 -6.25 -12.25
C GLU A 108 -2.15 -5.73 -10.85
N ARG A 109 -1.86 -6.57 -9.85
CA ARG A 109 -1.97 -6.20 -8.45
C ARG A 109 -0.76 -6.73 -7.68
N ILE A 110 -0.28 -5.93 -6.73
CA ILE A 110 0.74 -6.32 -5.77
C ILE A 110 0.21 -6.04 -4.38
N SER A 111 0.26 -7.05 -3.51
CA SER A 111 -0.21 -6.94 -2.13
CA SER A 111 -0.21 -6.94 -2.13
C SER A 111 0.97 -6.80 -1.18
N VAL A 112 0.78 -6.01 -0.13
CA VAL A 112 1.80 -5.78 0.88
C VAL A 112 1.15 -6.05 2.25
N PRO A 113 1.64 -7.02 3.01
CA PRO A 113 0.99 -7.31 4.30
C PRO A 113 1.25 -6.24 5.35
N ILE A 114 0.34 -6.16 6.30
CA ILE A 114 0.38 -5.19 7.40
C ILE A 114 0.61 -5.98 8.69
N SER A 115 1.58 -5.54 9.50
CA SER A 115 1.81 -6.14 10.81
C SER A 115 1.66 -5.07 11.89
N PHE A 116 1.08 -5.45 13.03
CA PHE A 116 0.88 -4.55 14.15
C PHE A 116 1.57 -5.19 15.35
N LYS A 117 2.60 -4.54 15.86
CA LYS A 117 3.44 -5.11 16.91
C LYS A 117 2.83 -4.81 18.27
N PHE A 118 2.58 -5.86 19.06
CA PHE A 118 2.22 -5.77 20.48
C PHE A 118 3.39 -6.07 21.42
#